data_2RE1
#
_entry.id   2RE1
#
_cell.length_a   61.806
_cell.length_b   61.806
_cell.length_c   191.901
_cell.angle_alpha   90.00
_cell.angle_beta   90.00
_cell.angle_gamma   90.00
#
_symmetry.space_group_name_H-M   'P 41 21 2'
#
loop_
_entity.id
_entity.type
_entity.pdbx_description
1 polymer 'Aspartokinase, alpha and beta subunits'
2 non-polymer 'CALCIUM ION'
#
_entity_poly.entity_id   1
_entity_poly.type   'polypeptide(L)'
_entity_poly.pdbx_seq_one_letter_code
;SNATFEEDDN(MSE)ERAAVTGIAFDKNQARINVRGVPDKPGVAYQILGAVADANIEVD(MSE)IIQNVGSEGTTDFSFT
VPRGDYKQTLEILSERQDSIGAASIDGDDTVCKVSAVGLG(MSE)RSHVGVAAKIFRTLAEEGINIQ(MSE)ISTSEIKV
SVLIDEKY(MSE)ELATRVLHKAFNLG
;
_entity_poly.pdbx_strand_id   A,B
#
loop_
_chem_comp.id
_chem_comp.type
_chem_comp.name
_chem_comp.formula
CA non-polymer 'CALCIUM ION' 'Ca 2'
#
# COMPACT_ATOMS: atom_id res chain seq x y z
N ALA A 15 -11.42 -1.65 19.46
CA ALA A 15 -10.93 -2.05 18.11
C ALA A 15 -11.09 -0.89 17.12
N VAL A 16 -12.32 -0.69 16.63
CA VAL A 16 -12.66 0.37 15.66
C VAL A 16 -13.67 1.35 16.25
N THR A 17 -13.27 2.61 16.42
CA THR A 17 -14.12 3.58 17.12
C THR A 17 -14.78 4.66 16.24
N GLY A 18 -14.23 4.97 15.08
CA GLY A 18 -14.85 5.98 14.22
C GLY A 18 -14.70 5.68 12.74
N ILE A 19 -15.56 6.28 11.91
CA ILE A 19 -15.39 6.22 10.44
C ILE A 19 -15.19 7.59 9.79
N ALA A 20 -14.02 7.82 9.22
CA ALA A 20 -13.71 9.08 8.58
C ALA A 20 -13.80 8.93 7.06
N PHE A 21 -14.03 10.05 6.37
CA PHE A 21 -14.08 10.08 4.91
C PHE A 21 -13.59 11.44 4.47
N ASP A 22 -13.16 11.55 3.21
CA ASP A 22 -12.44 12.72 2.72
C ASP A 22 -12.40 12.72 1.19
N LYS A 23 -13.07 13.71 0.61
CA LYS A 23 -13.33 13.81 -0.81
C LYS A 23 -12.17 14.52 -1.54
N ASN A 24 -11.25 15.12 -0.78
CA ASN A 24 -10.17 15.92 -1.38
C ASN A 24 -9.02 15.03 -1.88
N GLN A 25 -9.36 14.13 -2.80
CA GLN A 25 -8.43 13.12 -3.27
C GLN A 25 -8.38 13.05 -4.79
N ALA A 26 -7.21 12.70 -5.32
CA ALA A 26 -7.09 12.35 -6.75
C ALA A 26 -6.08 11.25 -6.89
N ARG A 27 -6.46 10.23 -7.64
CA ARG A 27 -5.57 9.12 -7.86
C ARG A 27 -4.73 9.45 -9.07
N ILE A 28 -3.46 9.02 -9.07
CA ILE A 28 -2.60 9.16 -10.24
C ILE A 28 -1.81 7.88 -10.62
N ASN A 29 -1.87 7.48 -11.89
CA ASN A 29 -1.25 6.22 -12.30
C ASN A 29 -0.15 6.40 -13.31
N VAL A 30 0.98 5.75 -13.04
CA VAL A 30 2.09 5.72 -13.95
C VAL A 30 2.28 4.28 -14.44
N ARG A 31 2.06 4.08 -15.73
CA ARG A 31 1.85 2.74 -16.25
C ARG A 31 3.05 2.17 -16.96
N GLY A 32 3.26 0.88 -16.76
CA GLY A 32 4.28 0.14 -17.48
C GLY A 32 5.63 0.83 -17.48
N VAL A 33 6.18 1.07 -16.30
CA VAL A 33 7.53 1.60 -16.11
C VAL A 33 8.52 0.45 -15.89
N PRO A 34 9.71 0.52 -16.53
CA PRO A 34 10.79 -0.48 -16.32
C PRO A 34 11.03 -0.81 -14.86
N ASP A 35 11.06 -2.10 -14.52
CA ASP A 35 11.31 -2.49 -13.14
C ASP A 35 12.80 -2.54 -12.83
N LYS A 36 13.33 -1.38 -12.47
CA LYS A 36 14.74 -1.18 -12.14
C LYS A 36 14.72 -0.39 -10.85
N PRO A 37 15.83 -0.42 -10.10
CA PRO A 37 15.93 0.51 -8.98
C PRO A 37 15.79 1.98 -9.43
N GLY A 38 15.48 2.88 -8.50
CA GLY A 38 15.46 4.30 -8.79
C GLY A 38 14.19 4.82 -9.41
N VAL A 39 13.38 3.92 -9.95
CA VAL A 39 12.13 4.30 -10.60
C VAL A 39 11.19 5.08 -9.66
N ALA A 40 10.90 4.50 -8.51
CA ALA A 40 9.99 5.12 -7.54
C ALA A 40 10.43 6.54 -7.25
N TYR A 41 11.71 6.68 -6.89
CA TYR A 41 12.28 7.99 -6.64
C TYR A 41 12.01 9.01 -7.75
N GLN A 42 12.21 8.60 -8.99
CA GLN A 42 12.05 9.51 -10.10
C GLN A 42 10.67 10.11 -10.10
N ILE A 43 9.67 9.24 -10.00
CA ILE A 43 8.26 9.65 -10.02
C ILE A 43 7.99 10.64 -8.88
N LEU A 44 8.30 10.24 -7.65
CA LEU A 44 7.95 11.00 -6.48
C LEU A 44 8.73 12.28 -6.37
N GLY A 45 10.04 12.18 -6.57
CA GLY A 45 10.92 13.35 -6.49
C GLY A 45 10.41 14.49 -7.36
N ALA A 46 9.93 14.15 -8.56
CA ALA A 46 9.37 15.15 -9.45
C ALA A 46 8.22 15.88 -8.75
N VAL A 47 7.35 15.07 -8.13
CA VAL A 47 6.12 15.51 -7.47
C VAL A 47 6.44 16.33 -6.25
N ALA A 48 7.49 15.93 -5.53
CA ALA A 48 7.85 16.62 -4.31
C ALA A 48 8.63 17.92 -4.51
N ASP A 49 9.05 18.26 -5.72
CA ASP A 49 9.70 19.56 -5.95
C ASP A 49 8.75 20.62 -6.44
N ALA A 50 7.54 20.19 -6.77
CA ALA A 50 6.45 21.09 -7.07
C ALA A 50 5.78 21.29 -5.72
N ASN A 51 6.31 20.58 -4.73
CA ASN A 51 5.89 20.62 -3.34
C ASN A 51 4.41 20.33 -3.19
N ILE A 52 3.93 19.35 -3.96
CA ILE A 52 2.59 18.85 -3.73
C ILE A 52 2.67 17.65 -2.79
N GLU A 53 1.78 17.60 -1.80
CA GLU A 53 1.73 16.48 -0.89
C GLU A 53 1.25 15.24 -1.60
N VAL A 54 1.64 14.08 -1.11
CA VAL A 54 1.24 12.82 -1.73
C VAL A 54 0.80 11.96 -0.60
N ASP A 55 -0.32 11.26 -0.76
CA ASP A 55 -0.79 10.46 0.35
C ASP A 55 -0.49 8.96 0.27
N MSE A 56 -1.24 8.23 -0.54
CA MSE A 56 -1.03 6.80 -0.66
C MSE A 56 -0.14 6.55 -1.84
O MSE A 56 -0.16 7.33 -2.79
CB MSE A 56 -2.33 6.03 -0.80
CG MSE A 56 -3.10 5.95 0.49
SE MSE A 56 -5.02 5.61 0.28
CE MSE A 56 -5.09 3.78 1.00
N ILE A 57 0.65 5.49 -1.75
CA ILE A 57 1.50 5.08 -2.84
C ILE A 57 1.40 3.58 -2.87
N ILE A 58 1.27 3.01 -4.07
CA ILE A 58 1.14 1.57 -4.23
C ILE A 58 1.93 1.10 -5.45
N GLN A 59 2.66 -0.03 -5.32
CA GLN A 59 3.46 -0.58 -6.40
C GLN A 59 3.60 -2.10 -6.38
N ASN A 60 3.40 -2.73 -7.56
CA ASN A 60 3.64 -4.18 -7.83
C ASN A 60 3.29 -5.16 -6.72
N GLY A 65 8.31 -7.79 -17.51
CA GLY A 65 9.26 -7.23 -16.55
C GLY A 65 8.91 -5.78 -16.20
N THR A 66 7.64 -5.44 -16.36
CA THR A 66 7.17 -4.08 -16.17
C THR A 66 6.64 -3.89 -14.74
N THR A 67 6.31 -2.65 -14.36
CA THR A 67 5.54 -2.40 -13.12
C THR A 67 4.64 -1.15 -13.13
N ASP A 68 3.68 -1.11 -12.23
CA ASP A 68 2.80 0.05 -12.12
C ASP A 68 2.81 0.74 -10.77
N PHE A 69 2.74 2.05 -10.85
CA PHE A 69 2.91 2.95 -9.74
C PHE A 69 1.65 3.81 -9.58
N SER A 70 0.83 3.52 -8.57
CA SER A 70 -0.32 4.37 -8.26
C SER A 70 -0.10 5.19 -6.99
N PHE A 71 -0.55 6.45 -7.02
CA PHE A 71 -0.50 7.32 -5.85
C PHE A 71 -1.60 8.37 -5.78
N THR A 72 -1.84 8.93 -4.58
CA THR A 72 -2.90 9.90 -4.40
C THR A 72 -2.38 11.30 -4.09
N VAL A 73 -3.13 12.27 -4.59
CA VAL A 73 -2.71 13.64 -4.57
C VAL A 73 -3.96 14.40 -4.13
N PRO A 74 -3.79 15.52 -3.39
CA PRO A 74 -4.99 16.31 -3.05
C PRO A 74 -5.72 16.70 -4.34
N ARG A 75 -7.03 16.62 -4.37
CA ARG A 75 -7.73 16.82 -5.63
C ARG A 75 -7.22 18.03 -6.42
N GLY A 76 -6.99 19.15 -5.74
CA GLY A 76 -6.55 20.39 -6.37
C GLY A 76 -5.22 20.32 -7.13
N ASP A 77 -4.44 19.26 -6.91
CA ASP A 77 -3.13 19.15 -7.56
C ASP A 77 -3.16 18.11 -8.70
N TYR A 78 -4.37 17.71 -9.06
CA TYR A 78 -4.54 16.67 -10.08
C TYR A 78 -3.88 17.06 -11.41
N LYS A 79 -4.23 18.24 -11.94
CA LYS A 79 -3.72 18.69 -13.24
C LYS A 79 -2.22 18.93 -13.25
N GLN A 80 -1.70 19.59 -12.22
CA GLN A 80 -0.27 19.90 -12.17
C GLN A 80 0.51 18.60 -12.13
N THR A 81 0.16 17.68 -11.23
CA THR A 81 0.83 16.38 -11.18
C THR A 81 0.88 15.69 -12.53
N LEU A 82 -0.27 15.61 -13.20
CA LEU A 82 -0.27 14.99 -14.54
C LEU A 82 0.64 15.72 -15.50
N GLU A 83 0.71 17.04 -15.40
CA GLU A 83 1.62 17.82 -16.24
C GLU A 83 3.07 17.69 -15.84
N ILE A 84 3.36 17.50 -14.54
CA ILE A 84 4.74 17.26 -14.09
C ILE A 84 5.24 15.91 -14.58
N LEU A 85 4.37 14.92 -14.60
CA LEU A 85 4.77 13.61 -15.06
C LEU A 85 4.78 13.52 -16.57
N SER A 86 3.95 14.31 -17.23
CA SER A 86 3.93 14.31 -18.68
C SER A 86 5.25 14.69 -19.27
N GLU A 87 5.93 15.60 -18.60
CA GLU A 87 7.17 16.20 -19.08
C GLU A 87 8.37 15.37 -18.64
N ARG A 88 8.23 14.69 -17.52
CA ARG A 88 9.27 13.79 -17.05
C ARG A 88 9.04 12.35 -17.52
N GLN A 89 8.09 12.14 -18.44
CA GLN A 89 7.83 10.81 -19.02
C GLN A 89 9.01 10.34 -19.91
N ASP A 90 9.76 11.28 -20.49
CA ASP A 90 11.04 11.00 -21.15
C ASP A 90 11.91 10.12 -20.25
N SER A 91 12.51 10.73 -19.21
CA SER A 91 13.09 9.97 -18.08
C SER A 91 11.93 9.21 -17.43
N ILE A 92 12.21 8.27 -16.52
CA ILE A 92 11.14 7.38 -16.02
C ILE A 92 10.75 6.38 -17.12
N GLY A 93 10.29 6.90 -18.27
CA GLY A 93 10.00 6.08 -19.44
C GLY A 93 8.79 5.20 -19.25
N ALA A 94 7.63 5.84 -19.16
CA ALA A 94 6.41 5.14 -18.81
C ALA A 94 5.60 4.94 -20.07
N ALA A 95 4.86 3.82 -20.11
CA ALA A 95 3.96 3.53 -21.23
C ALA A 95 2.85 4.54 -21.30
N SER A 96 2.18 4.76 -20.16
CA SER A 96 1.08 5.71 -20.08
C SER A 96 0.99 6.40 -18.72
N ILE A 97 0.39 7.60 -18.72
CA ILE A 97 0.04 8.33 -17.51
C ILE A 97 -1.43 8.75 -17.50
N ASP A 98 -2.22 8.12 -16.63
CA ASP A 98 -3.62 8.49 -16.43
C ASP A 98 -3.89 8.69 -14.93
N GLY A 99 -5.12 9.07 -14.58
CA GLY A 99 -5.49 9.33 -13.20
C GLY A 99 -7.00 9.26 -13.00
N ASP A 100 -7.46 9.67 -11.81
CA ASP A 100 -8.89 9.77 -11.51
C ASP A 100 -9.15 10.78 -10.39
N ASP A 101 -9.86 11.85 -10.69
CA ASP A 101 -10.17 12.84 -9.69
C ASP A 101 -11.60 12.73 -9.14
N THR A 102 -12.14 11.51 -9.17
CA THR A 102 -13.49 11.27 -8.60
C THR A 102 -13.44 10.13 -7.59
N VAL A 103 -12.27 9.94 -6.99
CA VAL A 103 -12.10 8.94 -5.93
C VAL A 103 -12.17 9.64 -4.59
N CYS A 104 -12.27 8.85 -3.54
CA CYS A 104 -12.13 9.38 -2.18
C CYS A 104 -11.63 8.32 -1.21
N LYS A 105 -11.22 8.78 -0.05
CA LYS A 105 -10.62 7.93 0.98
C LYS A 105 -11.61 7.77 2.12
N VAL A 106 -11.83 6.54 2.56
CA VAL A 106 -12.65 6.31 3.72
C VAL A 106 -11.87 5.45 4.70
N SER A 107 -11.80 5.87 5.96
CA SER A 107 -10.97 5.24 6.98
C SER A 107 -11.74 4.69 8.15
N ALA A 108 -11.42 3.44 8.48
CA ALA A 108 -11.74 2.88 9.78
C ALA A 108 -10.64 3.34 10.70
N VAL A 109 -11.01 4.07 11.74
CA VAL A 109 -10.02 4.64 12.66
C VAL A 109 -10.32 4.30 14.12
N GLY A 110 -9.28 3.92 14.85
CA GLY A 110 -9.42 3.70 16.27
C GLY A 110 -8.11 3.38 16.93
N LEU A 111 -7.77 4.14 17.96
CA LEU A 111 -6.72 3.78 18.90
C LEU A 111 -7.09 2.42 19.49
N GLY A 112 -6.08 1.60 19.78
CA GLY A 112 -6.30 0.21 20.23
C GLY A 112 -6.90 -0.65 19.13
N MSE A 113 -6.05 -1.09 18.20
CA MSE A 113 -6.53 -1.70 16.97
C MSE A 113 -5.62 -2.81 16.41
O MSE A 113 -6.09 -3.93 16.18
CB MSE A 113 -6.81 -0.64 15.91
CG MSE A 113 -7.12 -1.20 14.53
SE MSE A 113 -7.55 0.18 13.21
CE MSE A 113 -9.32 0.75 13.83
N ARG A 114 -4.34 -2.49 16.18
CA ARG A 114 -3.34 -3.44 15.63
C ARG A 114 -3.59 -4.91 16.06
N SER A 115 -3.88 -5.10 17.35
CA SER A 115 -4.30 -6.38 17.92
C SER A 115 -5.42 -7.11 17.11
N HIS A 116 -6.55 -6.45 16.88
CA HIS A 116 -7.69 -7.03 16.15
C HIS A 116 -7.39 -7.23 14.65
N VAL A 117 -7.39 -8.48 14.21
CA VAL A 117 -6.85 -8.89 12.90
C VAL A 117 -7.80 -8.90 11.68
N GLY A 118 -9.10 -9.07 11.91
CA GLY A 118 -10.03 -9.24 10.80
C GLY A 118 -10.62 -7.98 10.18
N VAL A 119 -9.92 -6.86 10.33
CA VAL A 119 -10.40 -5.56 9.87
C VAL A 119 -10.30 -5.41 8.34
N ALA A 120 -9.10 -5.55 7.79
CA ALA A 120 -8.91 -5.58 6.36
C ALA A 120 -9.96 -6.49 5.69
N ALA A 121 -10.10 -7.70 6.21
CA ALA A 121 -11.06 -8.67 5.70
C ALA A 121 -12.48 -8.12 5.80
N LYS A 122 -12.85 -7.70 7.01
CA LYS A 122 -14.22 -7.25 7.29
C LYS A 122 -14.62 -6.09 6.41
N ILE A 123 -13.74 -5.11 6.24
CA ILE A 123 -14.10 -3.96 5.44
C ILE A 123 -14.20 -4.38 3.97
N PHE A 124 -13.33 -5.28 3.55
CA PHE A 124 -13.39 -5.82 2.20
C PHE A 124 -14.70 -6.52 1.96
N ARG A 125 -15.06 -7.40 2.90
CA ARG A 125 -16.28 -8.18 2.87
C ARG A 125 -17.50 -7.27 2.77
N THR A 126 -17.51 -6.22 3.58
CA THR A 126 -18.69 -5.39 3.71
C THR A 126 -18.86 -4.50 2.51
N LEU A 127 -17.75 -3.98 2.00
CA LEU A 127 -17.81 -3.14 0.79
C LEU A 127 -18.13 -3.99 -0.43
N ALA A 128 -17.65 -5.23 -0.44
CA ALA A 128 -18.01 -6.23 -1.45
C ALA A 128 -19.52 -6.46 -1.56
N GLU A 129 -20.20 -6.65 -0.42
CA GLU A 129 -21.65 -6.86 -0.43
C GLU A 129 -22.35 -5.76 -1.23
N GLU A 130 -21.96 -4.51 -0.99
CA GLU A 130 -22.57 -3.40 -1.69
C GLU A 130 -21.99 -3.23 -3.08
N GLY A 131 -21.08 -4.13 -3.46
CA GLY A 131 -20.51 -4.15 -4.81
C GLY A 131 -19.62 -2.96 -5.09
N ILE A 132 -18.94 -2.47 -4.05
CA ILE A 132 -18.15 -1.27 -4.21
C ILE A 132 -16.65 -1.54 -4.15
N ASN A 133 -16.07 -1.51 -5.35
CA ASN A 133 -14.67 -1.85 -5.61
C ASN A 133 -13.66 -1.05 -4.79
N ILE A 134 -12.80 -1.75 -4.02
CA ILE A 134 -11.72 -1.09 -3.29
C ILE A 134 -10.53 -0.94 -4.22
N GLN A 135 -10.13 0.30 -4.49
CA GLN A 135 -9.06 0.56 -5.45
C GLN A 135 -7.71 0.50 -4.80
N MSE A 136 -7.62 0.99 -3.58
CA MSE A 136 -6.39 0.91 -2.83
C MSE A 136 -6.70 0.71 -1.36
O MSE A 136 -7.76 1.12 -0.88
CB MSE A 136 -5.58 2.20 -2.96
CG MSE A 136 -5.08 2.51 -4.34
SE MSE A 136 -3.92 4.05 -4.16
CE MSE A 136 -3.84 4.62 -6.03
N ILE A 137 -5.77 0.09 -0.66
CA ILE A 137 -5.88 -0.08 0.79
C ILE A 137 -4.53 0.18 1.47
N SER A 138 -4.58 0.72 2.69
CA SER A 138 -3.40 0.86 3.53
C SER A 138 -3.80 0.70 4.98
N THR A 139 -2.94 0.03 5.72
CA THR A 139 -3.23 -0.34 7.08
C THR A 139 -2.16 0.17 8.04
N SER A 140 -2.50 0.15 9.32
CA SER A 140 -1.62 0.59 10.39
C SER A 140 -2.30 0.29 11.73
N GLU A 141 -1.57 0.48 12.82
CA GLU A 141 -2.12 0.29 14.15
C GLU A 141 -3.30 1.25 14.32
N ILE A 142 -3.10 2.52 13.97
CA ILE A 142 -4.09 3.56 14.23
C ILE A 142 -5.29 3.56 13.26
N LYS A 143 -5.07 3.36 11.96
CA LYS A 143 -6.11 3.49 10.91
C LYS A 143 -6.04 2.42 9.84
N VAL A 144 -7.17 2.16 9.19
CA VAL A 144 -7.19 1.36 7.97
C VAL A 144 -8.00 2.15 6.92
N SER A 145 -7.45 2.31 5.72
CA SER A 145 -8.04 3.20 4.71
C SER A 145 -8.19 2.61 3.34
N VAL A 146 -9.29 2.96 2.67
CA VAL A 146 -9.56 2.54 1.31
C VAL A 146 -9.83 3.70 0.36
N LEU A 147 -9.33 3.61 -0.87
CA LEU A 147 -9.73 4.53 -1.92
C LEU A 147 -10.85 3.90 -2.73
N ILE A 148 -11.99 4.59 -2.83
CA ILE A 148 -13.09 4.14 -3.70
C ILE A 148 -13.66 5.32 -4.49
N ASP A 149 -14.48 5.02 -5.49
CA ASP A 149 -15.16 6.08 -6.21
C ASP A 149 -16.01 6.95 -5.30
N GLU A 150 -15.99 8.26 -5.52
CA GLU A 150 -16.70 9.19 -4.63
C GLU A 150 -18.18 8.86 -4.49
N LYS A 151 -18.82 8.36 -5.54
CA LYS A 151 -20.26 8.11 -5.48
C LYS A 151 -20.66 7.12 -4.40
N TYR A 152 -19.68 6.38 -3.86
CA TYR A 152 -19.90 5.38 -2.80
C TYR A 152 -19.61 5.90 -1.39
N MSE A 153 -19.12 7.12 -1.30
CA MSE A 153 -18.62 7.62 -0.04
C MSE A 153 -19.61 7.43 1.12
O MSE A 153 -19.30 6.76 2.10
CB MSE A 153 -18.23 9.08 -0.17
CG MSE A 153 -17.29 9.52 0.91
SE MSE A 153 -16.64 11.34 0.56
CE MSE A 153 -18.27 12.35 1.05
N GLU A 154 -20.80 8.01 0.99
CA GLU A 154 -21.81 7.93 2.03
C GLU A 154 -22.15 6.47 2.30
N LEU A 155 -22.58 5.76 1.27
CA LEU A 155 -22.84 4.33 1.37
C LEU A 155 -21.74 3.62 2.16
N ALA A 156 -20.50 3.74 1.72
CA ALA A 156 -19.41 3.05 2.38
C ALA A 156 -19.35 3.46 3.83
N THR A 157 -19.52 4.75 4.11
CA THR A 157 -19.38 5.25 5.46
C THR A 157 -20.44 4.60 6.30
N ARG A 158 -21.63 4.46 5.73
CA ARG A 158 -22.78 3.98 6.49
C ARG A 158 -22.71 2.48 6.64
N VAL A 159 -22.39 1.79 5.56
CA VAL A 159 -22.14 0.36 5.59
C VAL A 159 -21.10 -0.01 6.66
N LEU A 160 -19.94 0.64 6.62
CA LEU A 160 -18.86 0.38 7.56
C LEU A 160 -19.24 0.73 8.99
N HIS A 161 -19.80 1.93 9.17
CA HIS A 161 -20.29 2.39 10.47
C HIS A 161 -21.19 1.34 11.12
N LYS A 162 -22.09 0.74 10.32
CA LYS A 162 -22.97 -0.33 10.78
C LYS A 162 -22.14 -1.54 11.14
N ALA A 163 -21.30 -1.95 10.19
CA ALA A 163 -20.48 -3.14 10.31
C ALA A 163 -19.64 -3.19 11.59
N PHE A 164 -19.32 -2.02 12.15
CA PHE A 164 -18.50 -1.94 13.36
C PHE A 164 -19.29 -1.44 14.58
N ASN A 165 -20.61 -1.65 14.54
CA ASN A 165 -21.52 -1.22 15.61
C ASN A 165 -21.21 0.19 16.09
N LEU A 166 -21.23 1.15 15.18
CA LEU A 166 -20.83 2.54 15.45
C LEU A 166 -19.31 2.70 15.67
N ASP B 8 14.76 18.90 5.58
CA ASP B 8 13.55 18.12 6.00
C ASP B 8 13.74 17.50 7.39
N ASP B 9 13.13 18.15 8.40
CA ASP B 9 13.14 17.75 9.80
C ASP B 9 12.19 16.58 10.05
N ASN B 10 11.45 16.17 9.02
CA ASN B 10 10.31 15.26 9.18
C ASN B 10 10.59 13.92 9.85
N MSE B 11 11.76 13.33 9.58
CA MSE B 11 12.12 12.04 10.18
C MSE B 11 12.27 12.18 11.68
O MSE B 11 11.90 11.27 12.42
CB MSE B 11 13.39 11.48 9.55
CG MSE B 11 13.80 10.10 10.08
SE MSE B 11 12.36 8.75 10.18
CE MSE B 11 12.78 7.72 8.58
N GLU B 12 12.79 13.32 12.11
CA GLU B 12 12.87 13.70 13.52
C GLU B 12 11.51 13.87 14.19
N ARG B 13 10.57 14.45 13.46
CA ARG B 13 9.21 14.70 13.96
C ARG B 13 8.40 13.42 14.15
N ALA B 14 8.93 12.32 13.62
CA ALA B 14 8.19 11.09 13.46
C ALA B 14 7.60 10.43 14.71
N ALA B 15 7.87 10.90 15.92
CA ALA B 15 7.24 10.24 17.09
C ALA B 15 7.80 8.83 17.31
N VAL B 16 7.84 8.04 16.24
CA VAL B 16 8.80 6.95 16.14
C VAL B 16 9.76 7.31 15.01
N THR B 17 10.86 7.95 15.41
CA THR B 17 11.95 8.31 14.52
C THR B 17 12.78 7.04 14.32
N GLY B 18 12.74 6.53 13.10
CA GLY B 18 13.54 5.38 12.75
C GLY B 18 13.01 4.65 11.54
N ILE B 19 13.72 3.59 11.19
CA ILE B 19 13.26 2.70 10.15
C ILE B 19 13.31 1.28 10.70
N ALA B 20 12.18 0.60 10.63
CA ALA B 20 12.13 -0.78 11.07
C ALA B 20 12.51 -1.69 9.90
N PHE B 21 13.22 -2.76 10.22
CA PHE B 21 13.53 -3.80 9.26
C PHE B 21 12.99 -5.12 9.79
N ASP B 22 12.15 -5.79 9.00
CA ASP B 22 11.54 -7.05 9.42
C ASP B 22 11.80 -8.19 8.43
N LYS B 23 12.73 -9.08 8.79
CA LYS B 23 13.09 -10.22 7.93
C LYS B 23 12.16 -11.39 8.25
N ASN B 24 11.33 -11.21 9.26
CA ASN B 24 10.35 -12.20 9.65
C ASN B 24 9.03 -11.95 8.89
N GLN B 25 9.12 -11.95 7.56
CA GLN B 25 7.97 -11.71 6.69
C GLN B 25 8.07 -12.59 5.47
N ALA B 26 6.94 -12.79 4.80
CA ALA B 26 6.87 -13.55 3.55
C ALA B 26 5.75 -13.04 2.62
N ARG B 27 6.02 -13.00 1.32
CA ARG B 27 5.06 -12.45 0.33
C ARG B 27 4.22 -13.53 -0.36
N ILE B 28 2.90 -13.39 -0.28
CA ILE B 28 2.00 -14.29 -0.98
C ILE B 28 1.42 -13.60 -2.19
N ASN B 29 1.51 -14.27 -3.33
CA ASN B 29 0.90 -13.77 -4.56
C ASN B 29 -0.16 -14.71 -5.10
N VAL B 30 -1.43 -14.41 -4.80
CA VAL B 30 -2.55 -15.21 -5.32
C VAL B 30 -2.87 -14.81 -6.76
N ARG B 31 -2.44 -15.64 -7.70
CA ARG B 31 -2.52 -15.29 -9.12
C ARG B 31 -3.78 -15.85 -9.78
N GLY B 32 -4.17 -15.22 -10.89
CA GLY B 32 -5.31 -15.67 -11.71
C GLY B 32 -6.64 -15.59 -10.98
N VAL B 33 -7.19 -14.38 -10.91
CA VAL B 33 -8.46 -14.15 -10.21
C VAL B 33 -9.47 -13.46 -11.13
N PRO B 34 -10.70 -14.01 -11.22
CA PRO B 34 -11.80 -13.38 -11.95
C PRO B 34 -12.55 -12.35 -11.10
N ASP B 35 -13.29 -11.46 -11.75
CA ASP B 35 -14.00 -10.35 -11.08
C ASP B 35 -15.49 -10.59 -10.82
N LYS B 36 -15.86 -11.81 -10.42
CA LYS B 36 -17.26 -12.11 -10.04
C LYS B 36 -17.36 -12.37 -8.51
N PRO B 37 -18.48 -11.95 -7.88
CA PRO B 37 -18.61 -11.50 -6.49
C PRO B 37 -17.35 -11.40 -5.59
N GLY B 38 -17.53 -11.06 -4.32
CA GLY B 38 -16.44 -10.66 -3.42
C GLY B 38 -15.39 -11.72 -3.14
N VAL B 39 -14.61 -12.05 -4.18
CA VAL B 39 -13.61 -13.11 -4.14
C VAL B 39 -12.42 -12.76 -3.23
N ALA B 40 -12.04 -11.48 -3.22
CA ALA B 40 -10.96 -11.00 -2.35
C ALA B 40 -11.17 -11.39 -0.90
N TYR B 41 -12.43 -11.41 -0.45
CA TYR B 41 -12.72 -11.77 0.93
C TYR B 41 -12.41 -13.23 1.26
N GLN B 42 -12.85 -14.16 0.42
CA GLN B 42 -12.56 -15.58 0.64
C GLN B 42 -11.06 -15.76 0.82
N ILE B 43 -10.30 -14.96 0.08
CA ILE B 43 -8.84 -14.89 0.16
C ILE B 43 -8.42 -14.55 1.59
N LEU B 44 -8.81 -13.36 2.06
CA LEU B 44 -8.31 -12.79 3.32
C LEU B 44 -9.01 -13.32 4.56
N GLY B 45 -10.31 -13.55 4.45
CA GLY B 45 -11.10 -14.10 5.56
C GLY B 45 -10.61 -15.48 5.96
N ALA B 46 -10.12 -16.23 4.96
CA ALA B 46 -9.52 -17.54 5.16
C ALA B 46 -8.22 -17.41 5.90
N VAL B 47 -7.51 -16.32 5.65
CA VAL B 47 -6.25 -16.10 6.34
C VAL B 47 -6.53 -15.55 7.75
N ALA B 48 -7.54 -14.69 7.87
CA ALA B 48 -7.89 -14.07 9.15
C ALA B 48 -8.59 -15.03 10.12
N ASP B 49 -9.28 -16.02 9.56
CA ASP B 49 -9.94 -17.09 10.35
C ASP B 49 -8.91 -18.00 11.01
N ALA B 50 -7.79 -18.23 10.31
CA ALA B 50 -6.71 -19.04 10.84
C ALA B 50 -5.91 -18.22 11.85
N ASN B 51 -6.35 -16.99 12.07
CA ASN B 51 -5.66 -15.99 12.91
C ASN B 51 -4.21 -15.70 12.46
N ILE B 52 -4.06 -15.44 11.16
CA ILE B 52 -2.82 -14.95 10.58
C ILE B 52 -3.01 -13.44 10.34
N GLU B 53 -2.03 -12.64 10.76
CA GLU B 53 -2.09 -11.20 10.51
C GLU B 53 -1.56 -10.87 9.10
N VAL B 54 -2.14 -9.86 8.46
CA VAL B 54 -1.88 -9.58 7.05
C VAL B 54 -1.52 -8.11 6.80
N ASP B 55 -0.69 -7.85 5.80
CA ASP B 55 -0.25 -6.49 5.52
C ASP B 55 0.12 -6.35 4.07
N MSE B 56 0.07 -5.11 3.58
CA MSE B 56 0.45 -4.76 2.22
C MSE B 56 -0.42 -5.46 1.18
O MSE B 56 0.07 -6.28 0.40
CB MSE B 56 1.93 -5.05 1.98
CG MSE B 56 2.85 -4.30 2.90
SE MSE B 56 4.71 -4.59 2.49
CE MSE B 56 5.12 -2.92 1.54
N ILE B 57 -1.71 -5.14 1.16
CA ILE B 57 -2.59 -5.76 0.19
C ILE B 57 -2.56 -4.90 -1.06
N ILE B 58 -2.24 -5.54 -2.19
CA ILE B 58 -2.13 -4.86 -3.48
C ILE B 58 -2.94 -5.61 -4.55
N GLN B 59 -3.51 -4.87 -5.52
CA GLN B 59 -4.18 -5.48 -6.68
C GLN B 59 -3.74 -4.96 -8.08
N ASN B 60 -2.60 -4.27 -8.13
CA ASN B 60 -1.97 -3.84 -9.40
C ASN B 60 -1.27 -5.02 -10.09
N THR B 66 -8.00 -10.56 -14.64
CA THR B 66 -7.44 -9.34 -15.21
C THR B 66 -6.57 -8.60 -14.18
N THR B 67 -6.44 -9.18 -13.00
CA THR B 67 -5.50 -8.69 -12.00
C THR B 67 -5.44 -9.57 -10.73
N ASP B 68 -4.25 -9.62 -10.14
CA ASP B 68 -3.92 -10.52 -9.02
C ASP B 68 -3.86 -9.82 -7.66
N PHE B 69 -4.02 -10.60 -6.59
CA PHE B 69 -3.88 -10.11 -5.22
C PHE B 69 -2.52 -10.54 -4.62
N SER B 70 -1.88 -9.63 -3.88
CA SER B 70 -0.57 -9.90 -3.28
C SER B 70 -0.50 -9.29 -1.90
N PHE B 71 0.17 -9.98 -0.97
CA PHE B 71 0.22 -9.51 0.40
C PHE B 71 1.33 -10.15 1.21
N THR B 72 1.49 -9.72 2.45
CA THR B 72 2.53 -10.26 3.32
C THR B 72 2.00 -10.77 4.65
N VAL B 73 2.74 -11.72 5.21
CA VAL B 73 2.33 -12.50 6.36
C VAL B 73 3.61 -12.71 7.18
N PRO B 74 3.51 -12.85 8.52
CA PRO B 74 4.76 -13.11 9.23
C PRO B 74 5.36 -14.42 8.75
N ARG B 75 6.68 -14.49 8.64
CA ARG B 75 7.32 -15.67 8.05
C ARG B 75 6.86 -16.97 8.73
N GLY B 76 6.69 -16.93 10.06
CA GLY B 76 6.26 -18.09 10.84
C GLY B 76 4.87 -18.63 10.56
N ASP B 77 4.14 -17.97 9.65
CA ASP B 77 2.76 -18.31 9.25
C ASP B 77 2.60 -18.50 7.73
N TYR B 78 3.71 -18.65 7.03
CA TYR B 78 3.74 -18.73 5.56
C TYR B 78 3.32 -20.12 5.05
N LYS B 79 3.95 -21.15 5.62
CA LYS B 79 3.66 -22.54 5.29
C LYS B 79 2.19 -22.85 5.56
N GLN B 80 1.58 -22.15 6.52
CA GLN B 80 0.15 -22.28 6.81
C GLN B 80 -0.74 -21.51 5.83
N THR B 81 -0.44 -20.23 5.61
CA THR B 81 -1.18 -19.40 4.65
C THR B 81 -1.25 -20.09 3.30
N LEU B 82 -0.09 -20.49 2.78
CA LEU B 82 0.01 -21.20 1.53
C LEU B 82 -0.97 -22.38 1.49
N GLU B 83 -0.96 -23.20 2.55
CA GLU B 83 -1.88 -24.34 2.63
C GLU B 83 -3.36 -23.95 2.80
N ILE B 84 -3.64 -22.95 3.62
CA ILE B 84 -5.02 -22.46 3.81
C ILE B 84 -5.58 -21.95 2.50
N LEU B 85 -4.73 -21.32 1.70
CA LEU B 85 -5.10 -20.83 0.37
C LEU B 85 -4.94 -21.89 -0.72
N SER B 86 -4.25 -22.97 -0.40
CA SER B 86 -4.05 -24.07 -1.35
C SER B 86 -5.32 -24.92 -1.46
N GLU B 87 -5.79 -25.43 -0.32
CA GLU B 87 -6.98 -26.30 -0.29
C GLU B 87 -8.28 -25.51 -0.39
N ARG B 88 -8.18 -24.25 -0.81
CA ARG B 88 -9.34 -23.44 -1.12
C ARG B 88 -9.15 -22.76 -2.47
N GLN B 89 -8.20 -23.28 -3.25
CA GLN B 89 -7.81 -22.63 -4.49
C GLN B 89 -8.61 -23.07 -5.71
N ASP B 90 -9.20 -24.26 -5.66
CA ASP B 90 -10.20 -24.64 -6.66
C ASP B 90 -11.62 -24.48 -6.11
N SER B 91 -11.71 -23.87 -4.93
CA SER B 91 -12.98 -23.40 -4.39
C SER B 91 -13.12 -21.89 -4.63
N ILE B 92 -11.98 -21.20 -4.75
CA ILE B 92 -11.93 -19.79 -5.14
C ILE B 92 -11.41 -19.70 -6.58
N GLY B 93 -11.90 -18.72 -7.34
CA GLY B 93 -11.41 -18.50 -8.70
C GLY B 93 -9.92 -18.19 -8.69
N ALA B 94 -9.10 -19.23 -8.83
CA ALA B 94 -7.65 -19.11 -8.64
C ALA B 94 -6.80 -19.99 -9.55
N ALA B 95 -5.90 -19.35 -10.30
CA ALA B 95 -5.01 -20.06 -11.20
C ALA B 95 -3.80 -20.62 -10.46
N SER B 96 -3.13 -19.76 -9.68
CA SER B 96 -1.89 -20.09 -8.99
C SER B 96 -1.89 -19.63 -7.52
N ASP B 98 1.76 -19.08 -5.92
CA ASP B 98 3.15 -18.76 -5.58
C ASP B 98 3.31 -17.74 -4.42
N GLY B 99 4.26 -18.02 -3.54
CA GLY B 99 4.67 -17.07 -2.49
C GLY B 99 6.16 -16.82 -2.56
N ASP B 100 6.67 -16.06 -1.60
CA ASP B 100 8.10 -15.68 -1.50
C ASP B 100 8.46 -15.36 -0.05
N ASP B 101 9.25 -16.25 0.56
CA ASP B 101 9.67 -16.12 1.96
C ASP B 101 11.12 -15.67 2.14
N THR B 102 11.65 -14.97 1.14
CA THR B 102 12.96 -14.31 1.24
C THR B 102 12.84 -12.79 1.09
N VAL B 103 11.81 -12.22 1.70
CA VAL B 103 11.61 -10.77 1.67
C VAL B 103 11.79 -10.12 3.03
N CYS B 104 12.16 -8.85 3.00
CA CYS B 104 12.28 -8.06 4.21
C CYS B 104 11.52 -6.76 4.02
N LYS B 105 10.66 -6.46 4.98
CA LYS B 105 9.85 -5.23 4.97
C LYS B 105 10.60 -4.10 5.67
N VAL B 106 10.73 -2.98 4.99
CA VAL B 106 11.29 -1.77 5.58
C VAL B 106 10.16 -0.78 5.77
N SER B 107 10.04 -0.20 6.96
CA SER B 107 8.96 0.76 7.22
C SER B 107 9.33 1.86 8.21
N ALA B 108 8.73 3.03 8.01
CA ALA B 108 8.83 4.16 8.92
C ALA B 108 7.40 4.60 9.23
N VAL B 109 7.16 5.07 10.45
CA VAL B 109 5.82 5.47 10.86
C VAL B 109 5.67 6.98 10.69
N GLY B 110 4.59 7.38 10.03
CA GLY B 110 4.36 8.77 9.68
C GLY B 110 3.64 9.72 10.65
N LEU B 111 3.07 9.20 11.73
CA LEU B 111 2.41 10.10 12.71
C LEU B 111 3.42 11.11 13.30
N GLY B 112 3.09 12.38 13.17
CA GLY B 112 3.91 13.46 13.72
C GLY B 112 4.54 14.27 12.63
N MSE B 113 4.76 13.65 11.49
CA MSE B 113 5.47 14.30 10.39
C MSE B 113 4.59 15.34 9.74
O MSE B 113 3.42 15.08 9.46
CB MSE B 113 5.88 13.28 9.35
CG MSE B 113 6.74 12.18 9.87
SE MSE B 113 7.58 11.32 8.34
CE MSE B 113 8.23 9.66 9.17
N ARG B 114 5.16 16.52 9.49
CA ARG B 114 4.48 17.57 8.75
C ARG B 114 4.18 17.03 7.35
N SER B 115 5.22 16.53 6.70
CA SER B 115 5.12 15.93 5.39
C SER B 115 5.73 14.53 5.34
N HIS B 116 5.27 13.71 4.42
CA HIS B 116 5.59 12.30 4.47
C HIS B 116 6.28 11.90 3.19
N VAL B 117 6.17 12.77 2.19
CA VAL B 117 6.63 12.50 0.82
C VAL B 117 8.15 12.70 0.68
N GLY B 118 8.67 13.72 1.35
CA GLY B 118 10.11 13.93 1.42
C GLY B 118 10.80 12.68 1.96
N VAL B 119 10.34 12.20 3.12
CA VAL B 119 10.88 10.98 3.71
C VAL B 119 10.77 9.78 2.74
N ALA B 120 9.61 9.61 2.11
CA ALA B 120 9.44 8.47 1.23
C ALA B 120 10.39 8.59 0.05
N ALA B 121 10.37 9.73 -0.65
CA ALA B 121 11.30 9.93 -1.79
C ALA B 121 12.77 9.69 -1.40
N LYS B 122 13.16 10.13 -0.21
CA LYS B 122 14.47 9.85 0.30
C LYS B 122 14.64 8.35 0.44
N ILE B 123 13.72 7.71 1.14
CA ILE B 123 13.89 6.30 1.40
C ILE B 123 14.12 5.60 0.07
N PHE B 124 13.31 5.96 -0.93
CA PHE B 124 13.46 5.41 -2.27
C PHE B 124 14.83 5.76 -2.88
N ARG B 125 15.24 7.03 -2.80
CA ARG B 125 16.52 7.43 -3.35
C ARG B 125 17.70 6.64 -2.77
N THR B 126 17.72 6.44 -1.45
CA THR B 126 18.83 5.72 -0.82
C THR B 126 18.96 4.31 -1.42
N LEU B 127 17.88 3.53 -1.34
CA LEU B 127 17.89 2.15 -1.85
C LEU B 127 18.32 2.10 -3.31
N ALA B 128 17.83 3.06 -4.11
CA ALA B 128 18.25 3.18 -5.51
C ALA B 128 19.75 3.30 -5.67
N GLU B 129 20.38 4.15 -4.87
CA GLU B 129 21.81 4.40 -5.01
C GLU B 129 22.69 3.20 -4.74
N GLU B 130 22.14 2.24 -4.00
CA GLU B 130 22.84 1.00 -3.71
C GLU B 130 22.38 -0.14 -4.58
N GLY B 131 21.56 0.16 -5.58
CA GLY B 131 21.10 -0.85 -6.53
C GLY B 131 20.07 -1.80 -5.97
N ILE B 132 19.54 -1.45 -4.79
CA ILE B 132 18.48 -2.23 -4.15
C ILE B 132 17.12 -1.90 -4.81
N ASN B 133 16.48 -2.91 -5.38
CA ASN B 133 15.22 -2.71 -6.09
C ASN B 133 14.02 -2.81 -5.17
N ILE B 134 13.05 -1.92 -5.34
CA ILE B 134 11.86 -1.96 -4.48
C ILE B 134 10.86 -2.94 -5.06
N GLN B 135 10.63 -4.06 -4.37
CA GLN B 135 9.75 -5.11 -4.85
C GLN B 135 8.30 -4.67 -4.80
N MSE B 136 7.89 -4.12 -3.66
CA MSE B 136 6.52 -3.65 -3.43
C MSE B 136 6.57 -2.41 -2.58
O MSE B 136 7.34 -2.36 -1.64
CB MSE B 136 5.72 -4.67 -2.64
CG MSE B 136 5.33 -5.91 -3.39
SE MSE B 136 3.91 -6.90 -2.45
CE MSE B 136 4.31 -6.37 -0.61
N ILE B 137 5.71 -1.44 -2.89
CA ILE B 137 5.55 -0.25 -2.05
C ILE B 137 4.15 -0.25 -1.46
N SER B 138 3.98 0.30 -0.28
CA SER B 138 2.64 0.43 0.31
C SER B 138 2.68 1.49 1.41
N THR B 139 2.33 2.73 1.05
CA THR B 139 2.51 3.85 1.97
C THR B 139 1.30 4.75 2.05
N SER B 140 1.13 5.40 3.20
CA SER B 140 0.10 6.40 3.40
C SER B 140 0.64 7.48 4.36
N GLU B 141 -0.17 8.52 4.60
CA GLU B 141 0.08 9.48 5.68
C GLU B 141 0.63 8.78 6.96
N ILE B 142 0.07 7.63 7.31
CA ILE B 142 0.35 6.99 8.60
C ILE B 142 1.58 6.06 8.63
N LYS B 143 1.85 5.35 7.55
CA LYS B 143 3.06 4.50 7.51
C LYS B 143 3.66 4.46 6.12
N VAL B 144 4.98 4.39 6.05
CA VAL B 144 5.69 4.28 4.79
C VAL B 144 6.32 2.91 4.85
N SER B 145 5.82 1.95 4.07
CA SER B 145 6.47 0.63 4.05
C SER B 145 6.82 0.08 2.66
N VAL B 146 7.95 -0.63 2.58
CA VAL B 146 8.40 -1.26 1.32
C VAL B 146 8.93 -2.69 1.47
N LEU B 147 9.06 -3.38 0.35
CA LEU B 147 9.54 -4.73 0.37
C LEU B 147 10.79 -4.82 -0.49
N ILE B 148 11.87 -5.35 0.08
CA ILE B 148 13.11 -5.61 -0.64
C ILE B 148 13.55 -7.04 -0.35
N ASP B 149 14.50 -7.54 -1.14
CA ASP B 149 15.13 -8.84 -0.89
C ASP B 149 15.89 -8.84 0.43
N GLU B 150 15.68 -9.88 1.23
CA GLU B 150 16.29 -10.00 2.55
C GLU B 150 17.82 -9.97 2.49
N LYS B 151 18.41 -10.26 1.32
CA LYS B 151 19.86 -10.25 1.24
C LYS B 151 20.44 -8.85 1.40
N TYR B 152 19.63 -7.84 1.12
CA TYR B 152 20.05 -6.44 1.23
C TYR B 152 19.82 -5.81 2.59
N MSE B 153 19.36 -6.59 3.56
CA MSE B 153 18.93 -6.02 4.84
C MSE B 153 20.00 -5.24 5.63
O MSE B 153 19.76 -4.13 6.10
CB MSE B 153 18.31 -7.07 5.73
CG MSE B 153 17.23 -6.51 6.59
SE MSE B 153 16.99 -7.56 8.22
CE MSE B 153 18.11 -6.51 9.48
N GLU B 154 21.19 -5.84 5.78
CA GLU B 154 22.27 -5.17 6.48
C GLU B 154 22.70 -3.95 5.67
N LEU B 155 22.88 -4.14 4.37
CA LEU B 155 23.20 -3.02 3.50
C LEU B 155 22.16 -1.90 3.61
N ALA B 156 20.88 -2.24 3.50
CA ALA B 156 19.79 -1.25 3.62
C ALA B 156 19.83 -0.49 4.95
N THR B 157 20.06 -1.20 6.05
CA THR B 157 20.10 -0.61 7.38
C THR B 157 21.21 0.43 7.43
N ARG B 158 22.36 0.06 6.92
CA ARG B 158 23.53 0.93 6.98
C ARG B 158 23.33 2.21 6.18
N VAL B 159 22.98 2.07 4.90
CA VAL B 159 22.77 3.24 4.07
C VAL B 159 21.57 4.09 4.51
N LEU B 160 20.53 3.45 5.04
CA LEU B 160 19.38 4.21 5.54
C LEU B 160 19.67 4.91 6.86
N HIS B 161 20.33 4.20 7.78
CA HIS B 161 20.76 4.85 9.01
C HIS B 161 21.64 6.05 8.68
N LYS B 162 22.52 5.91 7.70
CA LYS B 162 23.39 7.00 7.32
C LYS B 162 22.56 8.16 6.77
N ALA B 163 21.66 7.86 5.85
CA ALA B 163 20.85 8.88 5.20
C ALA B 163 19.95 9.69 6.15
N PHE B 164 19.40 9.05 7.18
CA PHE B 164 18.60 9.77 8.19
C PHE B 164 19.30 9.92 9.55
N ASN B 165 20.61 9.73 9.60
CA ASN B 165 21.38 9.85 10.85
C ASN B 165 20.70 9.05 11.97
N LEU B 166 20.57 7.76 11.72
CA LEU B 166 19.67 6.84 12.42
C LEU B 166 18.19 7.26 12.33
CA CA C . -12.11 15.33 -13.87
CA CA D . -16.04 8.24 -11.28
#